data_7ATQ
#
_entry.id   7ATQ
#
_cell.length_a   47.848
_cell.length_b   80.220
_cell.length_c   144.582
_cell.angle_alpha   90.000
_cell.angle_beta   90.000
_cell.angle_gamma   90.000
#
_symmetry.space_group_name_H-M   'P 21 21 21'
#
loop_
_entity.id
_entity.type
_entity.pdbx_description
1 polymer EstD11
2 non-polymer 'FORMIC ACID'
3 non-polymer 'ACETATE ION'
4 non-polymer 'cyclohexanecarboxylic acid'
5 water water
#
_entity_poly.entity_id   1
_entity_poly.type   'polypeptide(L)'
_entity_poly.pdbx_seq_one_letter_code
;MASEALTMIVNLLRSQRPLQEPTVEQMRAGLEAMAQMSPLPADVELTTVDAGGVPGAWVRVPESDPDRVVLYLHGGGYVI
GSIRTHRDLAQRIARAARCRVLLIDYRLAPEHPHPAAVEDSTRAYRWLLETGSDPKRMAIAGDSAGGGLTVATLVALRDA
GVPLPAAAVCLSPWVDLEGIGESMTTKAAVDPMVQREPLLRMASMYLAGQDPRTPLAAPLYADLRGLPPLLIQVGTAETL
LDDSVRLAERARAAGVQVTLEPWEDMIHVWQAFAAMLPEGQQAIERIGEFLRQHWQ
;
_entity_poly.pdbx_strand_id   B,A
#
# COMPACT_ATOMS: atom_id res chain seq x y z
N ALA A 2 24.84 -29.93 0.38
CA ALA A 2 24.05 -28.91 -0.36
C ALA A 2 24.93 -28.24 -1.41
N SER A 3 24.31 -27.65 -2.44
CA SER A 3 24.97 -26.84 -3.50
C SER A 3 25.86 -25.77 -2.86
N GLU A 4 26.94 -25.37 -3.54
CA GLU A 4 27.85 -24.28 -3.11
C GLU A 4 27.10 -22.94 -3.12
N ALA A 5 26.06 -22.81 -3.94
CA ALA A 5 25.13 -21.66 -3.96
C ALA A 5 24.58 -21.39 -2.55
N LEU A 6 24.39 -22.40 -1.73
CA LEU A 6 23.90 -22.20 -0.34
C LEU A 6 24.85 -21.24 0.40
N THR A 7 26.17 -21.39 0.22
CA THR A 7 27.16 -20.50 0.88
C THR A 7 26.90 -19.05 0.49
N MET A 8 26.55 -18.77 -0.75
CA MET A 8 26.31 -17.39 -1.24
C MET A 8 25.06 -16.81 -0.55
N ILE A 9 24.01 -17.61 -0.43
CA ILE A 9 22.74 -17.19 0.24
C ILE A 9 23.03 -16.96 1.73
N VAL A 10 23.75 -17.87 2.37
CA VAL A 10 24.10 -17.74 3.81
C VAL A 10 24.89 -16.45 4.01
N ASN A 11 25.86 -16.17 3.15
CA ASN A 11 26.68 -14.95 3.25
C ASN A 11 25.79 -13.71 3.12
N LEU A 12 24.84 -13.70 2.18
CA LEU A 12 23.92 -12.56 1.99
C LEU A 12 23.13 -12.34 3.28
N LEU A 13 22.54 -13.41 3.82
CA LEU A 13 21.65 -13.32 5.01
C LEU A 13 22.44 -12.91 6.25
N ARG A 14 23.68 -13.38 6.40
CA ARG A 14 24.49 -13.06 7.61
C ARG A 14 24.82 -11.56 7.60
N SER A 15 24.90 -10.94 6.42
CA SER A 15 25.19 -9.49 6.29
C SER A 15 23.90 -8.69 6.38
N GLN A 16 22.84 -9.11 5.70
CA GLN A 16 21.61 -8.27 5.58
C GLN A 16 20.83 -8.36 6.89
N ARG A 17 20.78 -9.52 7.54
CA ARG A 17 20.14 -9.67 8.88
C ARG A 17 18.77 -8.99 8.85
N PRO A 18 17.87 -9.38 7.92
CA PRO A 18 16.65 -8.62 7.69
C PRO A 18 15.74 -8.49 8.93
N LEU A 19 15.73 -9.51 9.80
CA LEU A 19 14.85 -9.54 11.00
C LEU A 19 15.49 -8.77 12.17
N GLN A 20 16.71 -8.24 11.99
CA GLN A 20 17.48 -7.57 13.06
C GLN A 20 17.52 -6.05 12.85
N GLU A 21 16.77 -5.51 11.88
CA GLU A 21 16.76 -4.04 11.64
C GLU A 21 16.20 -3.33 12.88
N PRO A 22 16.67 -2.11 13.19
CA PRO A 22 16.31 -1.46 14.46
C PRO A 22 14.86 -0.99 14.59
N THR A 23 14.17 -0.73 13.47
CA THR A 23 12.75 -0.33 13.47
C THR A 23 11.94 -1.24 12.55
N VAL A 24 10.64 -1.31 12.77
CA VAL A 24 9.72 -2.09 11.90
C VAL A 24 9.81 -1.55 10.47
N GLU A 25 9.83 -0.23 10.27
CA GLU A 25 9.85 0.33 8.89
C GLU A 25 11.17 -0.03 8.20
N GLN A 26 12.28 -0.06 8.92
CA GLN A 26 13.59 -0.49 8.35
C GLN A 26 13.56 -1.98 8.03
N MET A 27 12.92 -2.80 8.88
CA MET A 27 12.73 -4.24 8.58
C MET A 27 11.90 -4.39 7.31
N ARG A 28 10.81 -3.64 7.17
CA ARG A 28 9.93 -3.74 5.99
C ARG A 28 10.70 -3.32 4.74
N ALA A 29 11.38 -2.19 4.79
CA ALA A 29 12.13 -1.64 3.63
C ALA A 29 13.27 -2.58 3.26
N GLY A 30 13.92 -3.18 4.26
CA GLY A 30 15.04 -4.12 4.07
C GLY A 30 14.59 -5.33 3.27
N LEU A 31 13.42 -5.89 3.60
CA LEU A 31 12.93 -7.10 2.90
C LEU A 31 12.50 -6.70 1.49
N GLU A 32 11.89 -5.52 1.31
CA GLU A 32 11.47 -5.02 -0.02
C GLU A 32 12.72 -4.84 -0.89
N ALA A 33 13.80 -4.29 -0.32
CA ALA A 33 15.10 -4.13 -1.00
C ALA A 33 15.62 -5.49 -1.48
N MET A 34 15.60 -6.51 -0.63
CA MET A 34 16.11 -7.86 -0.99
C MET A 34 15.26 -8.44 -2.12
N ALA A 35 13.93 -8.28 -2.05
CA ALA A 35 12.99 -8.85 -3.06
C ALA A 35 13.24 -8.22 -4.44
N GLN A 36 13.60 -6.93 -4.49
CA GLN A 36 13.89 -6.19 -5.76
C GLN A 36 15.06 -6.84 -6.52
N MET A 37 15.88 -7.66 -5.85
N MET A 37 15.88 -7.65 -5.85
CA MET A 37 17.04 -8.36 -6.48
CA MET A 37 17.04 -8.38 -6.45
C MET A 37 16.56 -9.47 -7.41
C MET A 37 16.56 -9.47 -7.41
N SER A 38 15.48 -10.19 -7.05
CA SER A 38 14.88 -11.28 -7.87
C SER A 38 13.74 -10.69 -8.71
N PRO A 39 14.02 -10.15 -9.92
CA PRO A 39 13.04 -9.34 -10.65
C PRO A 39 12.07 -10.20 -11.50
N LEU A 40 10.84 -9.72 -11.67
CA LEU A 40 9.67 -10.49 -12.19
C LEU A 40 9.86 -10.81 -13.67
N PRO A 41 9.84 -12.10 -14.07
CA PRO A 41 9.86 -12.45 -15.50
C PRO A 41 8.77 -11.70 -16.26
N ALA A 42 9.03 -11.40 -17.54
CA ALA A 42 8.15 -10.60 -18.42
C ALA A 42 6.81 -11.32 -18.65
N ASP A 43 6.76 -12.65 -18.52
CA ASP A 43 5.54 -13.45 -18.82
C ASP A 43 4.62 -13.53 -17.60
N VAL A 44 4.99 -12.92 -16.48
CA VAL A 44 4.11 -12.88 -15.28
C VAL A 44 3.08 -11.77 -15.47
N GLU A 45 1.79 -12.09 -15.33
CA GLU A 45 0.67 -11.12 -15.34
C GLU A 45 0.23 -10.93 -13.90
N LEU A 46 0.28 -9.69 -13.42
CA LEU A 46 -0.12 -9.28 -12.06
C LEU A 46 -1.36 -8.38 -12.21
N THR A 47 -2.46 -8.73 -11.54
CA THR A 47 -3.72 -7.96 -11.53
C THR A 47 -4.12 -7.64 -10.09
N THR A 48 -4.12 -6.36 -9.72
CA THR A 48 -4.52 -5.97 -8.35
C THR A 48 -6.03 -6.20 -8.26
N VAL A 49 -6.51 -6.65 -7.11
CA VAL A 49 -7.94 -6.95 -6.89
C VAL A 49 -8.29 -6.62 -5.44
N ASP A 50 -9.52 -6.20 -5.21
CA ASP A 50 -10.10 -6.15 -3.84
C ASP A 50 -10.69 -7.54 -3.58
N ALA A 51 -9.98 -8.37 -2.81
CA ALA A 51 -10.41 -9.75 -2.50
C ALA A 51 -11.33 -9.71 -1.29
N GLY A 52 -12.54 -9.18 -1.49
CA GLY A 52 -13.63 -9.15 -0.50
C GLY A 52 -13.27 -8.33 0.72
N GLY A 53 -12.54 -7.21 0.56
CA GLY A 53 -12.14 -6.30 1.65
C GLY A 53 -10.69 -6.46 2.06
N VAL A 54 -9.94 -7.32 1.35
CA VAL A 54 -8.48 -7.51 1.58
C VAL A 54 -7.81 -7.23 0.25
N PRO A 55 -6.81 -6.33 0.18
CA PRO A 55 -6.12 -6.08 -1.07
C PRO A 55 -5.36 -7.34 -1.51
N GLY A 56 -5.41 -7.63 -2.79
CA GLY A 56 -4.69 -8.78 -3.32
C GLY A 56 -4.16 -8.52 -4.70
N ALA A 57 -3.38 -9.46 -5.18
CA ALA A 57 -2.90 -9.47 -6.57
C ALA A 57 -3.05 -10.89 -7.10
N TRP A 58 -3.75 -11.03 -8.22
CA TRP A 58 -3.69 -12.27 -9.03
C TRP A 58 -2.31 -12.36 -9.67
N VAL A 59 -1.68 -13.51 -9.55
CA VAL A 59 -0.37 -13.82 -10.18
C VAL A 59 -0.64 -14.98 -11.15
N ARG A 60 -0.44 -14.72 -12.43
CA ARG A 60 -0.77 -15.65 -13.53
C ARG A 60 0.48 -15.78 -14.39
N VAL A 61 0.75 -16.98 -14.87
CA VAL A 61 1.85 -17.25 -15.83
C VAL A 61 1.22 -17.97 -17.01
N PRO A 62 1.92 -18.08 -18.16
CA PRO A 62 1.33 -18.63 -19.38
C PRO A 62 0.56 -19.95 -19.20
N GLU A 63 1.08 -20.90 -18.41
CA GLU A 63 0.44 -22.25 -18.29
C GLU A 63 -0.43 -22.33 -17.03
N SER A 64 -0.78 -21.19 -16.42
CA SER A 64 -1.80 -21.14 -15.32
C SER A 64 -3.13 -21.70 -15.81
N ASP A 65 -3.60 -22.81 -15.24
CA ASP A 65 -5.01 -23.27 -15.35
C ASP A 65 -5.85 -22.26 -14.58
N PRO A 66 -6.73 -21.49 -15.26
CA PRO A 66 -7.42 -20.38 -14.61
C PRO A 66 -8.39 -20.85 -13.49
N ASP A 67 -8.81 -22.11 -13.52
CA ASP A 67 -9.77 -22.62 -12.52
C ASP A 67 -9.04 -23.17 -11.30
N ARG A 68 -7.71 -23.21 -11.29
CA ARG A 68 -6.93 -23.71 -10.11
C ARG A 68 -6.29 -22.52 -9.42
N VAL A 69 -6.45 -22.42 -8.10
CA VAL A 69 -6.05 -21.20 -7.33
C VAL A 69 -5.34 -21.62 -6.06
N VAL A 70 -4.18 -21.02 -5.82
CA VAL A 70 -3.51 -21.06 -4.49
C VAL A 70 -3.72 -19.71 -3.85
N LEU A 71 -4.33 -19.67 -2.67
CA LEU A 71 -4.32 -18.46 -1.83
C LEU A 71 -2.97 -18.45 -1.11
N TYR A 72 -2.12 -17.48 -1.41
CA TYR A 72 -0.75 -17.46 -0.86
C TYR A 72 -0.65 -16.44 0.26
N LEU A 73 -0.15 -16.88 1.41
CA LEU A 73 -0.03 -16.07 2.65
C LEU A 73 1.46 -15.86 2.95
N HIS A 74 1.94 -14.65 2.70
CA HIS A 74 3.39 -14.34 2.77
C HIS A 74 3.90 -14.42 4.22
N GLY A 75 5.18 -14.68 4.37
CA GLY A 75 5.87 -14.63 5.66
C GLY A 75 6.32 -13.22 6.00
N GLY A 76 7.04 -13.12 7.11
CA GLY A 76 7.53 -11.85 7.68
C GLY A 76 7.08 -11.64 9.10
N GLY A 77 6.85 -12.72 9.87
CA GLY A 77 6.63 -12.66 11.32
C GLY A 77 5.30 -12.02 11.70
N TYR A 78 4.38 -11.91 10.74
CA TYR A 78 3.08 -11.19 10.90
C TYR A 78 3.31 -9.67 10.95
N VAL A 79 4.51 -9.20 10.64
CA VAL A 79 4.90 -7.77 10.82
C VAL A 79 5.41 -7.18 9.50
N ILE A 80 6.14 -7.95 8.70
CA ILE A 80 6.75 -7.42 7.46
C ILE A 80 6.31 -8.31 6.29
N GLY A 81 6.78 -7.98 5.10
CA GLY A 81 6.38 -8.67 3.87
C GLY A 81 5.22 -7.97 3.23
N SER A 82 4.99 -8.25 1.96
CA SER A 82 3.99 -7.53 1.15
C SER A 82 3.77 -8.32 -0.13
N ILE A 83 2.86 -7.84 -0.97
CA ILE A 83 2.73 -8.35 -2.36
C ILE A 83 4.08 -8.23 -3.07
N ARG A 84 4.80 -7.13 -2.88
CA ARG A 84 6.10 -6.92 -3.57
C ARG A 84 7.14 -7.95 -3.10
N THR A 85 7.21 -8.27 -1.81
CA THR A 85 8.30 -9.16 -1.31
C THR A 85 8.08 -10.58 -1.82
N HIS A 86 6.84 -11.01 -1.99
CA HIS A 86 6.52 -12.44 -2.23
C HIS A 86 5.96 -12.68 -3.63
N ARG A 87 5.91 -11.68 -4.51
CA ARG A 87 5.35 -11.92 -5.85
C ARG A 87 6.26 -12.87 -6.64
N ASP A 88 7.57 -12.89 -6.39
CA ASP A 88 8.46 -13.83 -7.11
C ASP A 88 8.17 -15.28 -6.65
N LEU A 89 8.08 -15.53 -5.35
CA LEU A 89 7.75 -16.89 -4.87
C LEU A 89 6.36 -17.28 -5.41
N ALA A 90 5.41 -16.35 -5.41
CA ALA A 90 4.05 -16.61 -5.92
C ALA A 90 4.09 -17.04 -7.40
N GLN A 91 4.84 -16.34 -8.26
CA GLN A 91 4.87 -16.66 -9.70
C GLN A 91 5.57 -18.02 -9.88
N ARG A 92 6.60 -18.34 -9.09
CA ARG A 92 7.31 -19.64 -9.21
C ARG A 92 6.35 -20.78 -8.85
N ILE A 93 5.52 -20.58 -7.84
CA ILE A 93 4.54 -21.62 -7.44
C ILE A 93 3.47 -21.71 -8.53
N ALA A 94 2.99 -20.57 -9.06
CA ALA A 94 1.98 -20.55 -10.15
C ALA A 94 2.51 -21.37 -11.33
N ARG A 95 3.80 -21.21 -11.63
CA ARG A 95 4.47 -21.86 -12.78
C ARG A 95 4.59 -23.37 -12.51
N ALA A 96 5.00 -23.76 -11.31
CA ALA A 96 5.22 -25.18 -10.98
C ALA A 96 3.88 -25.91 -10.84
N ALA A 97 2.89 -25.28 -10.23
CA ALA A 97 1.56 -25.89 -9.98
C ALA A 97 0.62 -25.69 -11.18
N ARG A 98 1.01 -24.88 -12.17
CA ARG A 98 0.20 -24.54 -13.36
C ARG A 98 -1.17 -24.06 -12.89
N CYS A 99 -1.17 -23.07 -12.02
CA CYS A 99 -2.39 -22.47 -11.42
C CYS A 99 -2.24 -20.96 -11.37
N ARG A 100 -3.30 -20.27 -10.98
CA ARG A 100 -3.25 -18.86 -10.58
C ARG A 100 -2.93 -18.81 -9.08
N VAL A 101 -2.27 -17.75 -8.66
CA VAL A 101 -2.02 -17.51 -7.22
C VAL A 101 -2.70 -16.19 -6.85
N LEU A 102 -3.49 -16.20 -5.79
CA LEU A 102 -3.98 -14.93 -5.18
C LEU A 102 -3.04 -14.63 -4.01
N LEU A 103 -2.23 -13.58 -4.16
N LEU A 103 -2.25 -13.57 -4.16
CA LEU A 103 -1.33 -13.11 -3.09
CA LEU A 103 -1.31 -13.03 -3.14
C LEU A 103 -2.07 -11.98 -2.37
C LEU A 103 -2.00 -11.92 -2.35
N ILE A 104 -2.29 -12.12 -1.06
CA ILE A 104 -3.10 -11.12 -0.32
C ILE A 104 -2.18 -10.29 0.56
N ASP A 105 -2.56 -9.01 0.69
CA ASP A 105 -1.94 -8.05 1.61
C ASP A 105 -2.72 -8.08 2.93
N TYR A 106 -2.59 -9.17 3.70
CA TYR A 106 -3.28 -9.29 4.99
C TYR A 106 -2.73 -8.23 5.94
N ARG A 107 -3.58 -7.81 6.87
CA ARG A 107 -3.23 -6.76 7.85
C ARG A 107 -2.03 -7.20 8.69
N LEU A 108 -1.07 -6.28 8.88
CA LEU A 108 0.18 -6.58 9.62
C LEU A 108 0.18 -5.92 10.99
N ALA A 109 0.85 -6.59 11.92
CA ALA A 109 1.22 -6.09 13.26
C ALA A 109 2.48 -5.25 13.10
N PRO A 110 2.82 -4.34 14.04
CA PRO A 110 2.02 -4.09 15.24
C PRO A 110 0.74 -3.26 15.03
N GLU A 111 0.56 -2.67 13.85
CA GLU A 111 -0.60 -1.77 13.57
C GLU A 111 -1.90 -2.55 13.77
N HIS A 112 -1.95 -3.79 13.29
CA HIS A 112 -3.17 -4.64 13.29
C HIS A 112 -2.83 -6.00 13.88
N PRO A 113 -2.94 -6.14 15.20
CA PRO A 113 -2.55 -7.37 15.87
C PRO A 113 -3.50 -8.53 15.52
N HIS A 114 -3.07 -9.72 15.90
CA HIS A 114 -3.92 -10.93 15.88
C HIS A 114 -5.27 -10.54 16.49
N PRO A 115 -6.43 -10.92 15.93
CA PRO A 115 -6.56 -11.85 14.81
C PRO A 115 -6.74 -11.28 13.40
N ALA A 116 -6.29 -10.05 13.16
CA ALA A 116 -6.51 -9.35 11.88
C ALA A 116 -6.02 -10.21 10.71
N ALA A 117 -4.83 -10.81 10.81
CA ALA A 117 -4.25 -11.62 9.69
C ALA A 117 -5.22 -12.75 9.33
N VAL A 118 -5.77 -13.43 10.35
CA VAL A 118 -6.64 -14.63 10.14
C VAL A 118 -8.01 -14.17 9.61
N GLU A 119 -8.51 -13.03 10.10
CA GLU A 119 -9.77 -12.45 9.55
C GLU A 119 -9.57 -12.19 8.07
N ASP A 120 -8.41 -11.66 7.66
CA ASP A 120 -8.16 -11.31 6.25
C ASP A 120 -7.99 -12.56 5.39
N SER A 121 -7.23 -13.55 5.85
N SER A 121 -7.23 -13.55 5.85
CA SER A 121 -7.00 -14.80 5.07
CA SER A 121 -7.00 -14.81 5.09
C SER A 121 -8.33 -15.53 4.87
C SER A 121 -8.33 -15.53 4.88
N THR A 122 -9.18 -15.63 5.91
CA THR A 122 -10.48 -16.33 5.81
C THR A 122 -11.39 -15.53 4.87
N ARG A 123 -11.39 -14.21 4.97
CA ARG A 123 -12.21 -13.32 4.10
C ARG A 123 -11.83 -13.54 2.63
N ALA A 124 -10.54 -13.61 2.33
CA ALA A 124 -10.04 -13.79 0.96
C ALA A 124 -10.49 -15.15 0.43
N TYR A 125 -10.39 -16.19 1.27
CA TYR A 125 -10.82 -17.56 0.87
C TYR A 125 -12.32 -17.55 0.57
N ARG A 126 -13.13 -16.99 1.48
CA ARG A 126 -14.61 -16.93 1.27
CA ARG A 126 -14.60 -16.91 1.27
C ARG A 126 -14.90 -16.13 -0.01
N TRP A 127 -14.12 -15.09 -0.30
CA TRP A 127 -14.29 -14.26 -1.51
C TRP A 127 -14.02 -15.12 -2.75
N LEU A 128 -12.98 -15.94 -2.73
CA LEU A 128 -12.68 -16.86 -3.86
C LEU A 128 -13.89 -17.76 -4.10
N LEU A 129 -14.50 -18.30 -3.05
CA LEU A 129 -15.69 -19.19 -3.21
C LEU A 129 -16.83 -18.37 -3.81
N GLU A 130 -17.04 -17.16 -3.28
CA GLU A 130 -18.17 -16.27 -3.67
C GLU A 130 -18.05 -15.96 -5.16
N THR A 131 -16.83 -15.83 -5.69
CA THR A 131 -16.56 -15.41 -7.08
C THR A 131 -16.32 -16.62 -7.98
N GLY A 132 -16.55 -17.83 -7.47
CA GLY A 132 -16.76 -19.04 -8.29
C GLY A 132 -15.63 -20.05 -8.24
N SER A 133 -14.58 -19.84 -7.45
CA SER A 133 -13.52 -20.85 -7.28
C SER A 133 -14.11 -22.05 -6.54
N ASP A 134 -13.67 -23.25 -6.90
N ASP A 134 -13.73 -23.27 -6.94
CA ASP A 134 -14.16 -24.52 -6.30
CA ASP A 134 -14.22 -24.51 -6.27
C ASP A 134 -13.09 -25.06 -5.37
C ASP A 134 -13.11 -25.06 -5.37
N PRO A 135 -13.44 -25.36 -4.10
CA PRO A 135 -12.48 -25.90 -3.14
C PRO A 135 -11.63 -27.07 -3.68
N LYS A 136 -12.21 -27.94 -4.51
CA LYS A 136 -11.46 -29.12 -5.04
C LYS A 136 -10.36 -28.67 -6.01
N ARG A 137 -10.34 -27.40 -6.40
CA ARG A 137 -9.30 -26.85 -7.30
C ARG A 137 -8.52 -25.74 -6.60
N MET A 138 -8.59 -25.68 -5.28
N MET A 138 -8.59 -25.68 -5.28
CA MET A 138 -7.96 -24.62 -4.46
CA MET A 138 -7.96 -24.62 -4.47
C MET A 138 -6.92 -25.23 -3.52
C MET A 138 -6.93 -25.22 -3.52
N ALA A 139 -6.03 -24.38 -3.02
CA ALA A 139 -5.08 -24.73 -1.96
C ALA A 139 -4.75 -23.44 -1.24
N ILE A 140 -4.26 -23.57 -0.02
CA ILE A 140 -3.72 -22.42 0.74
C ILE A 140 -2.26 -22.74 1.01
N ALA A 141 -1.38 -21.79 0.79
CA ALA A 141 0.06 -21.98 0.99
C ALA A 141 0.64 -20.74 1.65
N GLY A 142 1.72 -20.93 2.39
CA GLY A 142 2.42 -19.78 2.97
C GLY A 142 3.74 -20.18 3.61
N ASP A 143 4.60 -19.19 3.76
CA ASP A 143 5.96 -19.36 4.30
C ASP A 143 6.04 -18.72 5.68
N SER A 144 6.69 -19.42 6.61
CA SER A 144 7.06 -18.90 7.94
C SER A 144 5.80 -18.44 8.66
N ALA A 145 5.65 -17.16 9.03
CA ALA A 145 4.39 -16.69 9.65
C ALA A 145 3.20 -17.06 8.76
N GLY A 146 3.37 -16.96 7.45
CA GLY A 146 2.33 -17.30 6.47
C GLY A 146 2.02 -18.80 6.48
N GLY A 147 2.99 -19.63 6.86
CA GLY A 147 2.77 -21.08 7.02
C GLY A 147 1.95 -21.35 8.25
N GLY A 148 2.23 -20.69 9.36
CA GLY A 148 1.33 -20.73 10.53
C GLY A 148 -0.05 -20.20 10.20
N LEU A 149 -0.11 -19.11 9.44
CA LEU A 149 -1.40 -18.48 9.07
C LEU A 149 -2.19 -19.44 8.18
N THR A 150 -1.51 -20.20 7.33
CA THR A 150 -2.18 -21.22 6.49
C THR A 150 -2.93 -22.20 7.40
N VAL A 151 -2.27 -22.73 8.43
CA VAL A 151 -2.90 -23.73 9.33
C VAL A 151 -4.06 -23.05 10.07
N ALA A 152 -3.84 -21.86 10.62
CA ALA A 152 -4.87 -21.11 11.37
C ALA A 152 -6.06 -20.83 10.46
N THR A 153 -5.82 -20.49 9.19
CA THR A 153 -6.89 -20.20 8.21
C THR A 153 -7.74 -21.44 8.00
N LEU A 154 -7.11 -22.59 7.80
CA LEU A 154 -7.85 -23.85 7.62
C LEU A 154 -8.69 -24.14 8.86
N VAL A 155 -8.12 -23.98 10.05
CA VAL A 155 -8.85 -24.24 11.32
C VAL A 155 -10.08 -23.31 11.37
N ALA A 156 -9.89 -22.03 11.14
CA ALA A 156 -10.97 -21.03 11.25
C ALA A 156 -12.04 -21.31 10.19
N LEU A 157 -11.66 -21.64 8.96
CA LEU A 157 -12.62 -21.98 7.89
C LEU A 157 -13.41 -23.22 8.29
N ARG A 158 -12.73 -24.25 8.76
CA ARG A 158 -13.39 -25.52 9.15
C ARG A 158 -14.43 -25.22 10.23
N ASP A 159 -14.06 -24.43 11.24
CA ASP A 159 -14.90 -24.14 12.43
C ASP A 159 -16.12 -23.32 12.02
N ALA A 160 -16.04 -22.61 10.89
CA ALA A 160 -17.16 -21.78 10.34
C ALA A 160 -18.00 -22.59 9.34
N GLY A 161 -17.71 -23.89 9.17
CA GLY A 161 -18.45 -24.76 8.25
C GLY A 161 -18.18 -24.41 6.80
N VAL A 162 -17.05 -23.78 6.49
CA VAL A 162 -16.66 -23.43 5.09
C VAL A 162 -15.97 -24.65 4.50
N PRO A 163 -16.28 -25.05 3.24
CA PRO A 163 -15.60 -26.19 2.64
C PRO A 163 -14.11 -25.90 2.46
N LEU A 164 -13.29 -26.85 2.89
CA LEU A 164 -11.82 -26.71 2.90
C LEU A 164 -11.29 -27.04 1.51
N PRO A 165 -10.10 -26.51 1.18
CA PRO A 165 -9.51 -26.73 -0.12
C PRO A 165 -8.93 -28.15 -0.24
N ALA A 166 -8.44 -28.47 -1.43
CA ALA A 166 -7.93 -29.82 -1.77
C ALA A 166 -6.68 -30.11 -0.97
N ALA A 167 -5.87 -29.10 -0.64
CA ALA A 167 -4.56 -29.30 -0.01
C ALA A 167 -4.05 -27.99 0.54
N ALA A 168 -3.00 -28.05 1.33
CA ALA A 168 -2.31 -26.86 1.83
C ALA A 168 -0.82 -27.14 1.93
N VAL A 169 -0.06 -26.06 1.89
CA VAL A 169 1.43 -26.12 1.85
C VAL A 169 1.97 -25.12 2.84
N CYS A 170 2.87 -25.58 3.70
CA CYS A 170 3.55 -24.75 4.72
C CYS A 170 5.05 -24.80 4.44
N LEU A 171 5.66 -23.64 4.20
CA LEU A 171 7.11 -23.51 3.96
C LEU A 171 7.74 -22.95 5.24
N SER A 172 8.49 -23.77 5.96
CA SER A 172 9.17 -23.38 7.22
C SER A 172 8.16 -22.70 8.14
N PRO A 173 7.00 -23.32 8.44
CA PRO A 173 5.96 -22.64 9.21
C PRO A 173 6.43 -22.25 10.62
N TRP A 174 5.95 -21.10 11.06
CA TRP A 174 6.11 -20.60 12.44
C TRP A 174 4.80 -20.83 13.18
N VAL A 175 4.78 -21.80 14.10
CA VAL A 175 3.55 -22.21 14.83
C VAL A 175 3.72 -22.13 16.34
N ASP A 176 4.93 -21.91 16.83
CA ASP A 176 5.26 -21.81 18.28
C ASP A 176 5.78 -20.40 18.53
N LEU A 177 4.92 -19.52 19.04
N LEU A 177 4.92 -19.51 19.04
CA LEU A 177 5.27 -18.08 19.20
CA LEU A 177 5.26 -18.08 19.20
C LEU A 177 6.13 -17.85 20.45
C LEU A 177 6.01 -17.84 20.53
N GLU A 178 6.41 -18.91 21.22
CA GLU A 178 7.30 -18.83 22.41
C GLU A 178 8.73 -19.26 22.09
N GLY A 179 8.98 -19.90 20.95
CA GLY A 179 10.32 -20.40 20.59
C GLY A 179 10.86 -21.36 21.64
N ILE A 180 10.11 -22.41 21.97
CA ILE A 180 10.51 -23.42 22.99
C ILE A 180 10.82 -24.76 22.32
N GLY A 181 10.86 -24.81 20.98
CA GLY A 181 11.33 -26.00 20.25
C GLY A 181 12.80 -26.26 20.54
N GLU A 182 13.22 -27.52 20.58
CA GLU A 182 14.63 -27.86 20.86
C GLU A 182 15.53 -27.17 19.81
N SER A 183 15.12 -27.14 18.54
CA SER A 183 15.95 -26.58 17.44
C SER A 183 16.19 -25.08 17.66
N MET A 184 15.34 -24.39 18.44
CA MET A 184 15.53 -22.94 18.69
C MET A 184 16.85 -22.73 19.42
N THR A 185 17.30 -23.73 20.19
CA THR A 185 18.63 -23.75 20.84
C THR A 185 19.65 -24.44 19.92
N THR A 186 19.37 -25.66 19.44
CA THR A 186 20.39 -26.53 18.81
C THR A 186 20.76 -26.09 17.39
N LYS A 187 19.92 -25.32 16.70
CA LYS A 187 20.19 -24.87 15.31
C LYS A 187 20.48 -23.35 15.29
N ALA A 188 20.54 -22.70 16.44
CA ALA A 188 20.83 -21.25 16.55
C ALA A 188 22.13 -20.91 15.82
N ALA A 189 23.14 -21.79 15.90
CA ALA A 189 24.48 -21.56 15.33
C ALA A 189 24.49 -21.67 13.81
N VAL A 190 23.59 -22.45 13.20
CA VAL A 190 23.60 -22.66 11.71
C VAL A 190 22.50 -21.85 11.03
N ASP A 191 21.61 -21.22 11.79
CA ASP A 191 20.50 -20.46 11.18
C ASP A 191 20.91 -19.00 10.97
N PRO A 192 21.10 -18.54 9.72
CA PRO A 192 21.55 -17.17 9.49
C PRO A 192 20.47 -16.11 9.44
N MET A 193 19.20 -16.48 9.66
CA MET A 193 18.04 -15.56 9.49
C MET A 193 17.16 -15.49 10.74
N VAL A 194 16.81 -16.62 11.33
CA VAL A 194 15.80 -16.70 12.43
C VAL A 194 16.52 -17.08 13.73
N GLN A 195 16.33 -16.24 14.74
CA GLN A 195 16.78 -16.53 16.12
C GLN A 195 15.62 -16.22 17.05
N ARG A 196 15.76 -16.61 18.31
CA ARG A 196 14.66 -16.49 19.28
C ARG A 196 14.33 -15.02 19.52
N GLU A 197 15.31 -14.13 19.68
CA GLU A 197 15.01 -12.73 20.09
C GLU A 197 14.15 -12.03 19.03
N PRO A 198 14.50 -12.05 17.72
CA PRO A 198 13.63 -11.47 16.69
C PRO A 198 12.23 -12.10 16.61
N LEU A 199 12.17 -13.43 16.74
N LEU A 199 12.16 -13.42 16.74
CA LEU A 199 10.93 -14.23 16.81
CA LEU A 199 10.88 -14.18 16.75
C LEU A 199 10.03 -13.66 17.90
C LEU A 199 10.02 -13.67 17.90
N LEU A 200 10.56 -13.52 19.11
CA LEU A 200 9.77 -13.05 20.27
C LEU A 200 9.35 -11.59 20.06
N ARG A 201 10.21 -10.78 19.44
CA ARG A 201 9.93 -9.36 19.12
C ARG A 201 8.68 -9.30 18.24
N MET A 202 8.63 -10.11 17.19
CA MET A 202 7.49 -10.08 16.25
C MET A 202 6.26 -10.74 16.89
N ALA A 203 6.42 -11.80 17.66
CA ALA A 203 5.30 -12.44 18.39
C ALA A 203 4.65 -11.40 19.30
N SER A 204 5.46 -10.58 19.97
CA SER A 204 4.92 -9.54 20.89
C SER A 204 4.02 -8.58 20.09
N MET A 205 4.49 -8.14 18.92
CA MET A 205 3.73 -7.20 18.07
C MET A 205 2.42 -7.85 17.62
N TYR A 206 2.47 -9.12 17.21
CA TYR A 206 1.30 -9.86 16.71
C TYR A 206 0.30 -10.12 17.84
N LEU A 207 0.78 -10.52 19.02
CA LEU A 207 -0.10 -10.98 20.12
C LEU A 207 -0.71 -9.82 20.89
N ALA A 208 0.01 -8.71 21.02
CA ALA A 208 -0.47 -7.51 21.74
C ALA A 208 -1.01 -7.95 23.12
N GLY A 209 -0.25 -8.77 23.84
CA GLY A 209 -0.56 -9.20 25.22
C GLY A 209 -1.43 -10.43 25.29
N GLN A 210 -1.91 -10.96 24.16
CA GLN A 210 -2.71 -12.21 24.16
C GLN A 210 -1.81 -13.39 24.50
N ASP A 211 -2.42 -14.44 25.05
CA ASP A 211 -1.76 -15.72 25.37
C ASP A 211 -0.95 -16.16 24.16
N PRO A 212 0.37 -16.42 24.27
CA PRO A 212 1.15 -16.88 23.12
C PRO A 212 0.75 -18.27 22.63
N ARG A 213 -0.10 -18.98 23.37
CA ARG A 213 -0.65 -20.29 22.94
C ARG A 213 -2.09 -20.12 22.44
N THR A 214 -2.53 -18.90 22.19
CA THR A 214 -3.81 -18.62 21.48
C THR A 214 -3.83 -19.47 20.21
N PRO A 215 -4.78 -20.43 20.06
CA PRO A 215 -4.70 -21.40 18.97
C PRO A 215 -4.64 -20.83 17.55
N LEU A 216 -5.35 -19.76 17.23
CA LEU A 216 -5.31 -19.23 15.84
C LEU A 216 -4.05 -18.37 15.62
N ALA A 217 -3.33 -18.01 16.68
CA ALA A 217 -2.03 -17.30 16.56
C ALA A 217 -0.89 -18.31 16.51
N ALA A 218 -1.02 -19.41 17.26
CA ALA A 218 0.01 -20.44 17.46
C ALA A 218 -0.64 -21.80 17.24
N PRO A 219 -0.82 -22.22 15.97
CA PRO A 219 -1.63 -23.40 15.67
C PRO A 219 -1.05 -24.75 16.12
N LEU A 220 0.13 -24.74 16.74
CA LEU A 220 0.61 -25.90 17.51
C LEU A 220 -0.42 -26.24 18.60
N TYR A 221 -1.27 -25.29 19.01
CA TYR A 221 -2.27 -25.48 20.09
C TYR A 221 -3.69 -25.56 19.52
N ALA A 222 -3.83 -25.54 18.20
CA ALA A 222 -5.14 -25.57 17.53
C ALA A 222 -5.61 -27.02 17.34
N ASP A 223 -6.92 -27.16 17.19
CA ASP A 223 -7.53 -28.46 16.84
C ASP A 223 -7.42 -28.63 15.33
N LEU A 224 -6.62 -29.58 14.87
CA LEU A 224 -6.31 -29.74 13.43
C LEU A 224 -7.15 -30.84 12.76
N ARG A 225 -8.09 -31.45 13.48
CA ARG A 225 -8.90 -32.55 12.91
C ARG A 225 -9.64 -32.04 11.67
N GLY A 226 -9.64 -32.83 10.60
CA GLY A 226 -10.40 -32.56 9.38
C GLY A 226 -9.66 -31.68 8.38
N LEU A 227 -8.42 -31.28 8.68
CA LEU A 227 -7.64 -30.49 7.68
C LEU A 227 -7.32 -31.36 6.48
N PRO A 228 -7.18 -30.73 5.29
CA PRO A 228 -6.87 -31.45 4.07
C PRO A 228 -5.39 -31.81 4.03
N PRO A 229 -4.96 -32.61 3.04
CA PRO A 229 -3.56 -33.00 2.94
C PRO A 229 -2.62 -31.79 2.98
N LEU A 230 -1.57 -31.92 3.79
CA LEU A 230 -0.61 -30.84 4.12
CA LEU A 230 -0.62 -30.85 4.13
C LEU A 230 0.77 -31.27 3.67
N LEU A 231 1.44 -30.43 2.91
CA LEU A 231 2.89 -30.57 2.65
C LEU A 231 3.57 -29.55 3.55
N ILE A 232 4.49 -30.01 4.38
CA ILE A 232 5.35 -29.12 5.21
C ILE A 232 6.78 -29.29 4.69
N GLN A 233 7.35 -28.24 4.09
CA GLN A 233 8.77 -28.23 3.69
C GLN A 233 9.54 -27.41 4.71
N VAL A 234 10.66 -27.92 5.17
CA VAL A 234 11.47 -27.23 6.19
C VAL A 234 12.94 -27.59 5.98
N GLY A 235 13.84 -26.68 6.32
CA GLY A 235 15.29 -26.93 6.27
C GLY A 235 15.81 -27.48 7.57
N THR A 236 16.80 -28.35 7.54
CA THR A 236 17.37 -28.91 8.80
C THR A 236 18.30 -27.88 9.45
N ALA A 237 18.73 -26.84 8.74
CA ALA A 237 19.57 -25.75 9.31
C ALA A 237 18.65 -24.60 9.74
N GLU A 238 17.58 -24.93 10.47
CA GLU A 238 16.56 -23.94 10.87
C GLU A 238 16.28 -24.05 12.36
N THR A 239 16.28 -22.91 13.06
CA THR A 239 15.75 -22.83 14.44
C THR A 239 14.28 -23.24 14.42
N LEU A 240 13.56 -22.99 13.32
CA LEU A 240 12.13 -23.36 13.22
C LEU A 240 11.95 -24.82 12.78
N LEU A 241 13.01 -25.63 12.67
CA LEU A 241 12.83 -27.06 12.30
C LEU A 241 11.77 -27.70 13.19
N ASP A 242 11.86 -27.55 14.51
CA ASP A 242 10.95 -28.26 15.44
C ASP A 242 9.54 -27.67 15.39
N ASP A 243 9.34 -26.48 14.82
CA ASP A 243 7.95 -26.03 14.53
C ASP A 243 7.31 -26.98 13.53
N SER A 244 8.03 -27.34 12.48
CA SER A 244 7.51 -28.25 11.42
C SER A 244 7.34 -29.66 12.01
N VAL A 245 8.29 -30.13 12.80
CA VAL A 245 8.23 -31.51 13.37
C VAL A 245 7.01 -31.57 14.29
N ARG A 246 6.84 -30.59 15.16
CA ARG A 246 5.70 -30.59 16.11
C ARG A 246 4.38 -30.41 15.35
N LEU A 247 4.34 -29.60 14.30
CA LEU A 247 3.10 -29.44 13.52
C LEU A 247 2.74 -30.79 12.87
N ALA A 248 3.70 -31.46 12.24
CA ALA A 248 3.48 -32.78 11.61
C ALA A 248 2.94 -33.76 12.66
N GLU A 249 3.54 -33.82 13.84
CA GLU A 249 3.10 -34.73 14.93
C GLU A 249 1.64 -34.43 15.29
N ARG A 250 1.35 -33.15 15.49
CA ARG A 250 -0.03 -32.75 15.90
C ARG A 250 -1.04 -33.07 14.80
N ALA A 251 -0.72 -32.73 13.54
CA ALA A 251 -1.64 -32.92 12.41
C ALA A 251 -1.88 -34.44 12.22
N ARG A 252 -0.83 -35.26 12.30
CA ARG A 252 -1.00 -36.72 12.09
C ARG A 252 -1.82 -37.32 13.24
N ALA A 253 -1.63 -36.83 14.46
CA ALA A 253 -2.39 -37.28 15.64
C ALA A 253 -3.87 -36.94 15.46
N ALA A 254 -4.17 -35.89 14.69
CA ALA A 254 -5.53 -35.41 14.35
C ALA A 254 -6.06 -36.06 13.05
N GLY A 255 -5.34 -37.03 12.48
CA GLY A 255 -5.79 -37.83 11.33
C GLY A 255 -5.62 -37.12 10.01
N VAL A 256 -4.81 -36.05 9.98
CA VAL A 256 -4.53 -35.28 8.74
C VAL A 256 -3.48 -36.04 7.94
N GLN A 257 -3.62 -36.07 6.61
N GLN A 257 -3.58 -35.99 6.61
CA GLN A 257 -2.59 -36.58 5.69
CA GLN A 257 -2.60 -36.59 5.68
C GLN A 257 -1.48 -35.53 5.68
C GLN A 257 -1.40 -35.65 5.51
N VAL A 258 -0.33 -35.86 6.28
CA VAL A 258 0.83 -34.92 6.38
C VAL A 258 1.98 -35.51 5.58
N THR A 259 2.60 -34.69 4.76
CA THR A 259 3.92 -34.99 4.17
C THR A 259 4.89 -34.00 4.81
N LEU A 260 5.77 -34.47 5.68
CA LEU A 260 6.86 -33.63 6.24
C LEU A 260 8.14 -33.86 5.44
N GLU A 261 8.65 -32.83 4.78
CA GLU A 261 9.87 -32.89 3.94
C GLU A 261 10.96 -32.05 4.58
N PRO A 262 11.88 -32.65 5.35
CA PRO A 262 13.04 -31.94 5.87
C PRO A 262 14.14 -31.96 4.82
N TRP A 263 14.52 -30.78 4.33
CA TRP A 263 15.57 -30.63 3.29
C TRP A 263 16.91 -30.42 3.99
N GLU A 264 17.82 -31.39 3.83
CA GLU A 264 19.13 -31.40 4.52
C GLU A 264 19.88 -30.09 4.26
N ASP A 265 20.28 -29.41 5.33
CA ASP A 265 21.17 -28.22 5.36
C ASP A 265 20.45 -26.98 4.82
N MET A 266 19.18 -27.06 4.43
CA MET A 266 18.49 -25.87 3.89
C MET A 266 18.18 -24.88 5.01
N ILE A 267 18.14 -23.60 4.63
CA ILE A 267 17.88 -22.47 5.55
C ILE A 267 16.44 -22.01 5.37
N HIS A 268 16.01 -21.14 6.26
CA HIS A 268 14.63 -20.63 6.34
C HIS A 268 14.14 -20.13 4.96
N VAL A 269 13.00 -20.66 4.53
CA VAL A 269 12.33 -20.30 3.26
C VAL A 269 13.39 -20.20 2.15
N TRP A 270 14.23 -21.22 2.03
CA TRP A 270 15.25 -21.31 0.98
C TRP A 270 14.60 -21.23 -0.41
N GLN A 271 13.32 -21.59 -0.53
CA GLN A 271 12.54 -21.49 -1.79
C GLN A 271 12.56 -20.06 -2.34
N ALA A 272 12.61 -19.05 -1.47
CA ALA A 272 12.63 -17.62 -1.88
C ALA A 272 13.87 -17.31 -2.72
N PHE A 273 14.93 -18.11 -2.60
CA PHE A 273 16.24 -17.88 -3.27
C PHE A 273 16.40 -18.77 -4.50
N ALA A 274 15.28 -19.30 -5.02
CA ALA A 274 15.26 -20.27 -6.13
C ALA A 274 15.98 -19.74 -7.37
N ALA A 275 16.02 -18.42 -7.61
CA ALA A 275 16.76 -17.85 -8.76
C ALA A 275 18.22 -18.33 -8.72
N MET A 276 18.84 -18.38 -7.53
CA MET A 276 20.29 -18.65 -7.37
C MET A 276 20.53 -20.00 -6.69
N LEU A 277 19.55 -20.55 -5.98
CA LEU A 277 19.76 -21.76 -5.15
C LEU A 277 19.00 -22.93 -5.79
N PRO A 278 19.72 -23.93 -6.36
CA PRO A 278 19.05 -25.06 -7.00
C PRO A 278 18.02 -25.76 -6.11
N GLU A 279 18.33 -25.98 -4.84
CA GLU A 279 17.40 -26.66 -3.91
C GLU A 279 16.13 -25.83 -3.76
N GLY A 280 16.21 -24.50 -3.92
CA GLY A 280 15.04 -23.62 -3.88
C GLY A 280 14.09 -23.95 -5.02
N GLN A 281 14.59 -24.02 -6.24
CA GLN A 281 13.74 -24.35 -7.42
C GLN A 281 13.28 -25.82 -7.31
N GLN A 282 14.14 -26.73 -6.85
CA GLN A 282 13.76 -28.15 -6.66
C GLN A 282 12.55 -28.23 -5.70
N ALA A 283 12.60 -27.51 -4.59
CA ALA A 283 11.53 -27.54 -3.56
C ALA A 283 10.24 -26.97 -4.16
N ILE A 284 10.34 -25.92 -4.97
CA ILE A 284 9.13 -25.32 -5.61
C ILE A 284 8.53 -26.32 -6.61
N GLU A 285 9.38 -27.03 -7.35
CA GLU A 285 8.87 -28.07 -8.27
C GLU A 285 8.09 -29.11 -7.45
N ARG A 286 8.57 -29.45 -6.25
CA ARG A 286 7.89 -30.45 -5.37
C ARG A 286 6.54 -29.88 -4.94
N ILE A 287 6.48 -28.59 -4.62
CA ILE A 287 5.19 -27.93 -4.25
C ILE A 287 4.22 -28.11 -5.42
N GLY A 288 4.65 -27.83 -6.64
CA GLY A 288 3.80 -27.94 -7.83
C GLY A 288 3.32 -29.37 -8.03
N GLU A 289 4.19 -30.34 -7.85
CA GLU A 289 3.84 -31.77 -8.01
C GLU A 289 2.78 -32.15 -6.97
N PHE A 290 3.00 -31.75 -5.72
CA PHE A 290 2.08 -32.04 -4.59
C PHE A 290 0.71 -31.45 -4.89
N LEU A 291 0.64 -30.20 -5.31
CA LEU A 291 -0.66 -29.53 -5.58
C LEU A 291 -1.36 -30.21 -6.75
N ARG A 292 -0.63 -30.45 -7.85
CA ARG A 292 -1.25 -31.07 -9.05
C ARG A 292 -1.75 -32.47 -8.70
N GLN A 293 -1.05 -33.20 -7.84
CA GLN A 293 -1.47 -34.56 -7.39
C GLN A 293 -2.83 -34.45 -6.68
N HIS A 294 -3.01 -33.45 -5.80
CA HIS A 294 -4.24 -33.33 -4.98
C HIS A 294 -5.38 -32.67 -5.76
N TRP A 295 -5.10 -32.10 -6.93
CA TRP A 295 -6.13 -31.54 -7.82
C TRP A 295 -6.59 -32.55 -8.88
N GLN A 296 -5.88 -33.67 -9.02
CA GLN A 296 -6.24 -34.80 -9.93
C GLN A 296 -7.65 -35.30 -9.60
N ALA B 2 -13.16 26.92 16.55
CA ALA B 2 -13.67 26.15 15.38
C ALA B 2 -14.91 25.35 15.79
N SER B 3 -15.71 24.93 14.80
CA SER B 3 -16.91 24.06 14.97
C SER B 3 -16.54 22.83 15.82
N GLU B 4 -17.51 22.27 16.56
CA GLU B 4 -17.32 21.06 17.41
C GLU B 4 -16.98 19.85 16.52
N ALA B 5 -17.43 19.86 15.26
CA ALA B 5 -17.08 18.85 14.23
C ALA B 5 -15.56 18.70 14.15
N LEU B 6 -14.80 19.80 14.25
CA LEU B 6 -13.33 19.74 14.08
C LEU B 6 -12.76 18.81 15.15
N THR B 7 -13.17 18.98 16.41
CA THR B 7 -12.56 18.20 17.52
C THR B 7 -12.84 16.72 17.27
N MET B 8 -14.05 16.43 16.80
CA MET B 8 -14.46 15.01 16.61
C MET B 8 -13.74 14.43 15.40
N ILE B 9 -13.57 15.21 14.33
CA ILE B 9 -12.84 14.74 13.11
C ILE B 9 -11.38 14.49 13.50
N VAL B 10 -10.76 15.38 14.26
CA VAL B 10 -9.35 15.19 14.71
C VAL B 10 -9.26 13.90 15.50
N ASN B 11 -10.19 13.66 16.41
CA ASN B 11 -10.18 12.45 17.27
C ASN B 11 -10.25 11.20 16.35
N LEU B 12 -11.18 11.18 15.41
CA LEU B 12 -11.38 10.01 14.52
C LEU B 12 -10.13 9.79 13.66
N LEU B 13 -9.53 10.84 13.12
CA LEU B 13 -8.30 10.70 12.28
C LEU B 13 -7.13 10.20 13.13
N ARG B 14 -7.02 10.64 14.39
CA ARG B 14 -5.93 10.18 15.29
C ARG B 14 -6.04 8.67 15.51
N SER B 15 -7.24 8.09 15.42
CA SER B 15 -7.48 6.63 15.53
C SER B 15 -7.25 5.96 14.17
N GLN B 16 -7.71 6.57 13.08
CA GLN B 16 -7.69 5.97 11.72
C GLN B 16 -6.24 5.96 11.19
N ARG B 17 -5.49 7.04 11.38
CA ARG B 17 -4.05 7.11 11.02
C ARG B 17 -3.83 6.54 9.62
N PRO B 18 -4.50 7.08 8.58
CA PRO B 18 -4.48 6.46 7.25
C PRO B 18 -3.07 6.34 6.65
N LEU B 19 -2.16 7.28 6.94
CA LEU B 19 -0.79 7.29 6.37
C LEU B 19 0.15 6.37 7.16
N GLN B 20 -0.33 5.75 8.24
CA GLN B 20 0.47 4.81 9.09
C GLN B 20 0.08 3.35 8.81
N GLU B 21 -0.73 3.07 7.80
CA GLU B 21 -1.01 1.66 7.40
C GLU B 21 0.29 0.99 6.98
N PRO B 22 0.47 -0.31 7.29
CA PRO B 22 1.77 -0.95 7.18
C PRO B 22 2.28 -1.20 5.76
N THR B 23 1.40 -1.23 4.74
CA THR B 23 1.78 -1.44 3.32
C THR B 23 1.13 -0.39 2.44
N VAL B 24 1.66 -0.20 1.25
CA VAL B 24 1.06 0.70 0.21
C VAL B 24 -0.40 0.29 -0.03
N GLU B 25 -0.68 -0.99 -0.21
CA GLU B 25 -2.05 -1.45 -0.59
C GLU B 25 -3.02 -1.19 0.56
N GLN B 26 -2.56 -1.36 1.81
CA GLN B 26 -3.40 -1.09 3.00
C GLN B 26 -3.63 0.42 3.14
N MET B 27 -2.62 1.23 2.86
CA MET B 27 -2.77 2.71 2.85
C MET B 27 -3.80 3.08 1.77
N ARG B 28 -3.71 2.49 0.58
CA ARG B 28 -4.64 2.80 -0.53
C ARG B 28 -6.06 2.42 -0.14
N ALA B 29 -6.26 1.20 0.36
CA ALA B 29 -7.58 0.67 0.73
C ALA B 29 -8.17 1.52 1.87
N GLY B 30 -7.33 1.93 2.83
CA GLY B 30 -7.72 2.76 3.98
C GLY B 30 -8.34 4.08 3.51
N LEU B 31 -7.70 4.74 2.55
CA LEU B 31 -8.21 6.05 2.07
C LEU B 31 -9.48 5.83 1.25
N GLU B 32 -9.55 4.75 0.45
CA GLU B 32 -10.77 4.39 -0.32
C GLU B 32 -11.92 4.16 0.66
N ALA B 33 -11.67 3.45 1.77
CA ALA B 33 -12.67 3.19 2.84
C ALA B 33 -13.19 4.51 3.41
N MET B 34 -12.31 5.47 3.70
CA MET B 34 -12.70 6.78 4.27
C MET B 34 -13.56 7.54 3.26
N ALA B 35 -13.21 7.52 1.97
CA ALA B 35 -13.93 8.24 0.91
C ALA B 35 -15.36 7.68 0.75
N GLN B 36 -15.55 6.37 0.95
CA GLN B 36 -16.88 5.69 0.87
C GLN B 36 -17.87 6.27 1.90
N MET B 37 -17.36 6.95 2.94
CA MET B 37 -18.19 7.57 4.01
C MET B 37 -18.93 8.80 3.46
N SER B 38 -18.29 9.59 2.60
CA SER B 38 -18.81 10.85 2.01
C SER B 38 -19.48 10.52 0.68
N PRO B 39 -20.80 10.24 0.65
CA PRO B 39 -21.46 9.70 -0.54
C PRO B 39 -21.89 10.82 -1.52
N LEU B 40 -21.83 10.52 -2.81
CA LEU B 40 -21.89 11.51 -3.92
C LEU B 40 -23.32 12.01 -4.08
N PRO B 41 -23.58 13.34 -4.01
CA PRO B 41 -24.92 13.87 -4.29
C PRO B 41 -25.46 13.34 -5.62
N ALA B 42 -26.78 13.19 -5.72
CA ALA B 42 -27.49 12.61 -6.89
C ALA B 42 -27.26 13.46 -8.15
N ASP B 43 -27.00 14.76 -8.01
CA ASP B 43 -26.89 15.69 -9.18
C ASP B 43 -25.46 15.69 -9.73
N VAL B 44 -24.54 14.93 -9.14
CA VAL B 44 -23.15 14.86 -9.67
C VAL B 44 -23.12 13.87 -10.83
N GLU B 45 -22.61 14.30 -11.97
CA GLU B 45 -22.34 13.43 -13.15
C GLU B 45 -20.84 13.17 -13.17
N LEU B 46 -20.45 11.91 -13.08
CA LEU B 46 -19.03 11.48 -13.21
C LEU B 46 -18.94 10.62 -14.46
N THR B 47 -18.06 10.98 -15.39
N THR B 47 -18.10 10.96 -15.43
CA THR B 47 -17.83 10.25 -16.67
CA THR B 47 -17.88 10.06 -16.57
C THR B 47 -16.34 9.95 -16.83
C THR B 47 -16.38 9.93 -16.84
N THR B 48 -15.95 8.68 -16.89
CA THR B 48 -14.57 8.27 -17.16
C THR B 48 -14.22 8.71 -18.57
N VAL B 49 -12.98 9.16 -18.74
CA VAL B 49 -12.46 9.66 -20.05
C VAL B 49 -10.99 9.29 -20.13
N ASP B 50 -10.52 9.01 -21.35
CA ASP B 50 -9.08 8.95 -21.65
C ASP B 50 -8.60 10.38 -21.92
N ALA B 51 -7.92 10.99 -20.96
CA ALA B 51 -7.41 12.38 -21.10
C ALA B 51 -6.05 12.34 -21.78
N GLY B 52 -6.04 12.01 -23.07
CA GLY B 52 -4.84 12.01 -23.93
C GLY B 52 -3.79 11.02 -23.45
N GLY B 53 -4.20 9.85 -22.95
CA GLY B 53 -3.30 8.78 -22.51
C GLY B 53 -3.21 8.68 -20.99
N VAL B 54 -3.99 9.48 -20.27
CA VAL B 54 -4.09 9.39 -18.78
C VAL B 54 -5.53 9.14 -18.45
N PRO B 55 -5.88 8.09 -17.66
CA PRO B 55 -7.26 7.87 -17.28
C PRO B 55 -7.73 9.04 -16.40
N GLY B 56 -8.93 9.52 -16.67
CA GLY B 56 -9.54 10.61 -15.90
C GLY B 56 -11.02 10.42 -15.76
N ALA B 57 -11.64 11.39 -15.12
CA ALA B 57 -13.10 11.46 -15.02
C ALA B 57 -13.46 12.93 -15.07
N TRP B 58 -14.46 13.24 -15.89
CA TRP B 58 -15.19 14.52 -15.79
C TRP B 58 -16.06 14.48 -14.55
N VAL B 59 -15.98 15.52 -13.72
CA VAL B 59 -16.87 15.72 -12.55
C VAL B 59 -17.66 17.00 -12.81
N ARG B 60 -18.98 16.85 -12.97
CA ARG B 60 -19.86 17.93 -13.44
C ARG B 60 -21.07 17.97 -12.53
N VAL B 61 -21.56 19.17 -12.28
CA VAL B 61 -22.82 19.41 -11.52
C VAL B 61 -23.68 20.27 -12.43
N PRO B 62 -24.98 20.44 -12.12
CA PRO B 62 -25.88 21.22 -12.96
C PRO B 62 -25.34 22.62 -13.36
N GLU B 63 -24.65 23.31 -12.44
CA GLU B 63 -24.17 24.70 -12.65
C GLU B 63 -22.76 24.72 -13.25
N SER B 64 -22.18 23.57 -13.62
CA SER B 64 -20.87 23.49 -14.33
C SER B 64 -20.98 24.20 -15.68
N ASP B 65 -20.23 25.27 -15.86
CA ASP B 65 -20.04 25.89 -17.19
C ASP B 65 -18.87 25.18 -17.85
N PRO B 66 -19.10 24.43 -18.94
CA PRO B 66 -18.05 23.62 -19.55
C PRO B 66 -16.92 24.44 -20.18
N ASP B 67 -17.12 25.74 -20.39
CA ASP B 67 -16.03 26.63 -20.87
C ASP B 67 -14.95 26.77 -19.79
N ARG B 68 -15.26 26.51 -18.53
CA ARG B 68 -14.28 26.64 -17.43
C ARG B 68 -13.92 25.24 -16.95
N VAL B 69 -12.62 24.99 -16.81
N VAL B 69 -12.62 24.97 -16.84
CA VAL B 69 -12.12 23.64 -16.44
CA VAL B 69 -12.16 23.64 -16.39
C VAL B 69 -11.05 23.76 -15.36
C VAL B 69 -11.08 23.79 -15.32
N VAL B 70 -11.18 22.96 -14.31
CA VAL B 70 -10.10 22.74 -13.32
C VAL B 70 -9.54 21.35 -13.60
N LEU B 71 -8.26 21.27 -13.90
CA LEU B 71 -7.52 19.98 -13.85
C LEU B 71 -7.19 19.73 -12.39
N TYR B 72 -7.78 18.70 -11.78
CA TYR B 72 -7.62 18.44 -10.34
C TYR B 72 -6.64 17.29 -10.14
N LEU B 73 -5.62 17.54 -9.32
CA LEU B 73 -4.52 16.56 -9.03
C LEU B 73 -4.64 16.13 -7.57
N HIS B 74 -5.11 14.91 -7.33
CA HIS B 74 -5.42 14.41 -5.98
C HIS B 74 -4.14 14.25 -5.15
N GLY B 75 -4.30 14.34 -3.83
CA GLY B 75 -3.23 14.04 -2.86
C GLY B 75 -3.11 12.56 -2.59
N GLY B 76 -2.23 12.23 -1.65
CA GLY B 76 -1.92 10.83 -1.30
C GLY B 76 -0.44 10.52 -1.39
N GLY B 77 0.41 11.54 -1.24
CA GLY B 77 1.87 11.35 -1.10
C GLY B 77 2.53 10.84 -2.38
N TYR B 78 1.84 10.93 -3.52
CA TYR B 78 2.25 10.39 -4.84
C TYR B 78 2.18 8.85 -4.84
N VAL B 79 1.53 8.26 -3.82
CA VAL B 79 1.50 6.79 -3.63
C VAL B 79 0.06 6.28 -3.56
N ILE B 80 -0.86 7.05 -2.98
CA ILE B 80 -2.26 6.60 -2.78
C ILE B 80 -3.20 7.65 -3.37
N GLY B 81 -4.51 7.39 -3.26
CA GLY B 81 -5.55 8.28 -3.78
C GLY B 81 -5.98 7.86 -5.16
N SER B 82 -7.13 8.34 -5.59
CA SER B 82 -7.74 7.92 -6.87
C SER B 82 -8.83 8.93 -7.24
N ILE B 83 -9.45 8.73 -8.39
CA ILE B 83 -10.70 9.44 -8.75
C ILE B 83 -11.73 9.22 -7.64
N ARG B 84 -11.85 8.01 -7.11
CA ARG B 84 -12.87 7.69 -6.10
C ARG B 84 -12.58 8.44 -4.80
N THR B 85 -11.32 8.56 -4.35
CA THR B 85 -11.03 9.22 -3.06
C THR B 85 -11.35 10.72 -3.14
N HIS B 86 -11.16 11.35 -4.30
CA HIS B 86 -11.21 12.83 -4.44
C HIS B 86 -12.42 13.32 -5.25
N ARG B 87 -13.34 12.43 -5.62
CA ARG B 87 -14.49 12.85 -6.45
C ARG B 87 -15.38 13.80 -5.64
N ASP B 88 -15.45 13.65 -4.31
CA ASP B 88 -16.31 14.55 -3.50
C ASP B 88 -15.70 15.96 -3.49
N LEU B 89 -14.40 16.08 -3.24
CA LEU B 89 -13.74 17.40 -3.29
C LEU B 89 -13.91 18.01 -4.68
N ALA B 90 -13.75 17.20 -5.73
CA ALA B 90 -13.87 17.65 -7.13
C ALA B 90 -15.27 18.22 -7.37
N GLN B 91 -16.33 17.52 -6.94
CA GLN B 91 -17.72 17.99 -7.24
C GLN B 91 -17.98 19.27 -6.44
N ARG B 92 -17.46 19.40 -5.22
CA ARG B 92 -17.67 20.63 -4.41
C ARG B 92 -17.00 21.80 -5.09
N ILE B 93 -15.81 21.60 -5.65
CA ILE B 93 -15.09 22.68 -6.38
C ILE B 93 -15.87 23.01 -7.65
N ALA B 94 -16.34 22.00 -8.39
CA ALA B 94 -17.11 22.21 -9.63
C ALA B 94 -18.32 23.08 -9.30
N ARG B 95 -18.97 22.80 -8.17
CA ARG B 95 -20.20 23.50 -7.72
C ARG B 95 -19.86 24.96 -7.35
N ALA B 96 -18.77 25.16 -6.59
CA ALA B 96 -18.40 26.50 -6.08
C ALA B 96 -17.84 27.36 -7.21
N ALA B 97 -17.04 26.81 -8.11
CA ALA B 97 -16.40 27.54 -9.22
C ALA B 97 -17.32 27.59 -10.45
N ARG B 98 -18.43 26.84 -10.45
CA ARG B 98 -19.36 26.72 -11.61
C ARG B 98 -18.56 26.34 -12.85
N CYS B 99 -17.78 25.28 -12.72
CA CYS B 99 -16.89 24.76 -13.78
C CYS B 99 -17.03 23.25 -13.86
N ARG B 100 -16.45 22.64 -14.88
CA ARG B 100 -16.27 21.17 -14.86
C ARG B 100 -14.86 20.89 -14.35
N VAL B 101 -14.70 19.74 -13.71
CA VAL B 101 -13.40 19.33 -13.15
C VAL B 101 -12.97 18.06 -13.89
N LEU B 102 -11.73 18.07 -14.38
CA LEU B 102 -11.10 16.83 -14.88
C LEU B 102 -10.24 16.28 -13.75
N LEU B 103 -10.65 15.15 -13.20
CA LEU B 103 -9.95 14.47 -12.09
C LEU B 103 -9.15 13.30 -12.67
N ILE B 104 -7.82 13.34 -12.60
CA ILE B 104 -7.02 12.34 -13.34
C ILE B 104 -6.45 11.30 -12.37
N ASP B 105 -6.41 10.06 -12.84
N ASP B 105 -6.42 10.07 -12.87
CA ASP B 105 -5.76 8.91 -12.15
CA ASP B 105 -5.77 8.91 -12.22
C ASP B 105 -4.31 8.85 -12.62
C ASP B 105 -4.32 8.91 -12.71
N TYR B 106 -3.49 9.81 -12.18
CA TYR B 106 -2.07 9.91 -12.59
C TYR B 106 -1.36 8.69 -11.99
N ARG B 107 -0.30 8.29 -12.66
CA ARG B 107 0.50 7.10 -12.25
C ARG B 107 1.09 7.34 -10.85
N LEU B 108 1.03 6.30 -10.03
CA LEU B 108 1.44 6.35 -8.60
C LEU B 108 2.71 5.54 -8.38
N ALA B 109 3.52 6.01 -7.44
CA ALA B 109 4.65 5.27 -6.85
C ALA B 109 4.10 4.27 -5.84
N PRO B 110 4.81 3.17 -5.53
CA PRO B 110 6.14 2.88 -6.07
C PRO B 110 6.17 2.27 -7.48
N GLU B 111 5.02 1.89 -8.03
CA GLU B 111 4.95 1.26 -9.37
C GLU B 111 5.55 2.20 -10.42
N HIS B 112 5.25 3.49 -10.32
CA HIS B 112 5.63 4.54 -11.30
C HIS B 112 6.22 5.72 -10.56
N PRO B 113 7.54 5.68 -10.27
CA PRO B 113 8.18 6.79 -9.56
C PRO B 113 8.18 8.08 -10.38
N HIS B 114 8.49 9.17 -9.69
CA HIS B 114 8.80 10.48 -10.32
C HIS B 114 9.71 10.21 -11.52
N PRO B 115 9.48 10.81 -12.72
CA PRO B 115 8.48 11.87 -12.95
C PRO B 115 7.14 11.45 -13.59
N ALA B 116 6.70 10.21 -13.39
CA ALA B 116 5.48 9.69 -14.04
C ALA B 116 4.29 10.63 -13.74
N ALA B 117 4.11 11.05 -12.48
CA ALA B 117 2.97 11.90 -12.09
C ALA B 117 2.98 13.19 -12.92
N VAL B 118 4.14 13.81 -13.09
CA VAL B 118 4.28 15.11 -13.81
C VAL B 118 4.07 14.89 -15.32
N GLU B 119 4.56 13.78 -15.86
CA GLU B 119 4.28 13.43 -17.28
C GLU B 119 2.78 13.35 -17.49
N ASP B 120 2.05 12.73 -16.55
CA ASP B 120 0.59 12.52 -16.68
C ASP B 120 -0.16 13.85 -16.52
N SER B 121 0.20 14.67 -15.54
CA SER B 121 -0.51 15.96 -15.32
C SER B 121 -0.30 16.87 -16.53
N THR B 122 0.91 16.95 -17.08
CA THR B 122 1.19 17.82 -18.24
C THR B 122 0.45 17.27 -19.46
N ARG B 123 0.44 15.94 -19.64
CA ARG B 123 -0.30 15.29 -20.77
C ARG B 123 -1.78 15.66 -20.70
N ALA B 124 -2.40 15.59 -19.52
CA ALA B 124 -3.83 15.87 -19.35
C ALA B 124 -4.10 17.33 -19.69
N TYR B 125 -3.23 18.24 -19.22
CA TYR B 125 -3.39 19.67 -19.50
C TYR B 125 -3.29 19.92 -21.00
N ARG B 126 -2.28 19.36 -21.66
CA ARG B 126 -2.09 19.55 -23.12
CA ARG B 126 -2.07 19.51 -23.13
C ARG B 126 -3.30 18.96 -23.86
N TRP B 127 -3.88 17.87 -23.36
CA TRP B 127 -5.08 17.24 -23.97
C TRP B 127 -6.26 18.20 -23.87
N LEU B 128 -6.43 18.87 -22.74
CA LEU B 128 -7.50 19.88 -22.57
C LEU B 128 -7.30 20.97 -23.65
N LEU B 129 -6.08 21.45 -23.86
CA LEU B 129 -5.82 22.48 -24.89
C LEU B 129 -6.15 21.91 -26.29
N GLU B 130 -5.74 20.68 -26.55
CA GLU B 130 -5.92 20.00 -27.86
C GLU B 130 -7.41 19.91 -28.17
N THR B 131 -8.27 19.72 -27.15
CA THR B 131 -9.72 19.51 -27.32
C THR B 131 -10.47 20.84 -27.17
N GLY B 132 -9.76 21.97 -27.04
CA GLY B 132 -10.31 23.32 -27.25
C GLY B 132 -10.47 24.13 -25.98
N SER B 133 -9.98 23.68 -24.82
CA SER B 133 -10.05 24.49 -23.58
C SER B 133 -9.19 25.74 -23.75
N ASP B 134 -9.65 26.87 -23.21
CA ASP B 134 -8.91 28.16 -23.28
C ASP B 134 -8.19 28.41 -21.98
N PRO B 135 -6.85 28.61 -21.99
CA PRO B 135 -6.10 28.84 -20.75
C PRO B 135 -6.70 29.93 -19.85
N LYS B 136 -7.29 30.98 -20.43
CA LYS B 136 -7.93 32.08 -19.67
C LYS B 136 -9.10 31.57 -18.83
N ARG B 137 -9.62 30.37 -19.12
CA ARG B 137 -10.78 29.79 -18.41
C ARG B 137 -10.39 28.46 -17.77
N MET B 138 -9.09 28.26 -17.54
CA MET B 138 -8.58 26.99 -16.96
C MET B 138 -7.90 27.28 -15.62
N ALA B 139 -7.75 26.25 -14.81
CA ALA B 139 -6.94 26.29 -13.58
C ALA B 139 -6.45 24.88 -13.33
N ILE B 140 -5.38 24.78 -12.56
CA ILE B 140 -4.90 23.50 -12.03
C ILE B 140 -4.98 23.60 -10.52
N ALA B 141 -5.51 22.57 -9.88
CA ALA B 141 -5.70 22.56 -8.42
C ALA B 141 -5.32 21.20 -7.88
N GLY B 142 -4.86 21.15 -6.65
CA GLY B 142 -4.55 19.87 -6.01
C GLY B 142 -4.25 20.01 -4.54
N ASP B 143 -4.39 18.91 -3.82
CA ASP B 143 -4.23 18.85 -2.36
C ASP B 143 -2.96 18.06 -2.05
N SER B 144 -2.19 18.55 -1.10
CA SER B 144 -1.04 17.82 -0.51
C SER B 144 -0.07 17.45 -1.62
N ALA B 145 0.24 16.16 -1.87
CA ALA B 145 1.13 15.79 -2.99
C ALA B 145 0.62 16.44 -4.28
N GLY B 146 -0.70 16.46 -4.47
CA GLY B 146 -1.33 17.05 -5.66
C GLY B 146 -1.14 18.56 -5.72
N GLY B 147 -0.96 19.22 -4.57
CA GLY B 147 -0.63 20.64 -4.48
C GLY B 147 0.80 20.89 -4.96
N GLY B 148 1.75 20.06 -4.52
CA GLY B 148 3.10 20.06 -5.10
C GLY B 148 3.07 19.77 -6.59
N LEU B 149 2.28 18.78 -7.00
CA LEU B 149 2.21 18.37 -8.43
C LEU B 149 1.65 19.52 -9.26
N THR B 150 0.71 20.27 -8.70
CA THR B 150 0.14 21.46 -9.38
C THR B 150 1.29 22.43 -9.74
N VAL B 151 2.15 22.75 -8.78
CA VAL B 151 3.24 23.73 -9.00
C VAL B 151 4.23 23.15 -10.02
N ALA B 152 4.62 21.89 -9.85
CA ALA B 152 5.55 21.21 -10.77
C ALA B 152 4.97 21.20 -12.19
N THR B 153 3.67 20.95 -12.32
CA THR B 153 2.99 20.89 -13.64
C THR B 153 3.11 22.26 -14.32
N LEU B 154 2.85 23.35 -13.60
CA LEU B 154 2.95 24.71 -14.15
C LEU B 154 4.39 24.98 -14.61
N VAL B 155 5.38 24.60 -13.79
CA VAL B 155 6.81 24.82 -14.14
C VAL B 155 7.12 24.06 -15.43
N ALA B 156 6.74 22.78 -15.49
CA ALA B 156 7.05 21.91 -16.64
C ALA B 156 6.35 22.44 -17.89
N LEU B 157 5.09 22.88 -17.77
CA LEU B 157 4.34 23.42 -18.93
C LEU B 157 5.03 24.68 -19.43
N ARG B 158 5.39 25.59 -18.51
CA ARG B 158 6.05 26.85 -18.92
C ARG B 158 7.36 26.52 -19.65
N ASP B 159 8.17 25.59 -19.14
CA ASP B 159 9.48 25.23 -19.74
C ASP B 159 9.29 24.64 -21.14
N ALA B 160 8.15 24.01 -21.41
CA ALA B 160 7.80 23.40 -22.72
C ALA B 160 7.11 24.41 -23.65
N GLY B 161 6.96 25.67 -23.23
CA GLY B 161 6.34 26.74 -24.03
C GLY B 161 4.84 26.53 -24.20
N VAL B 162 4.20 25.86 -23.22
CA VAL B 162 2.73 25.66 -23.21
C VAL B 162 2.10 26.81 -22.43
N PRO B 163 1.04 27.46 -22.95
CA PRO B 163 0.39 28.54 -22.21
C PRO B 163 -0.17 28.05 -20.87
N LEU B 164 0.12 28.81 -19.81
CA LEU B 164 -0.32 28.48 -18.44
C LEU B 164 -1.75 28.94 -18.24
N PRO B 165 -2.47 28.32 -17.29
CA PRO B 165 -3.85 28.66 -17.01
C PRO B 165 -3.97 30.00 -16.26
N ALA B 166 -5.22 30.42 -16.02
CA ALA B 166 -5.56 31.71 -15.41
C ALA B 166 -5.09 31.73 -13.96
N ALA B 167 -5.06 30.58 -13.29
CA ALA B 167 -4.84 30.52 -11.83
C ALA B 167 -4.54 29.08 -11.44
N ALA B 168 -4.04 28.92 -10.23
CA ALA B 168 -3.82 27.58 -9.66
C ALA B 168 -4.11 27.63 -8.17
N VAL B 169 -4.44 26.46 -7.63
CA VAL B 169 -4.90 26.32 -6.24
C VAL B 169 -4.15 25.15 -5.61
N CYS B 170 -3.55 25.40 -4.45
CA CYS B 170 -2.80 24.40 -3.66
C CYS B 170 -3.46 24.27 -2.30
N LEU B 171 -3.94 23.08 -1.97
CA LEU B 171 -4.59 22.80 -0.67
C LEU B 171 -3.60 22.02 0.18
N SER B 172 -3.04 22.63 1.22
CA SER B 172 -2.04 21.99 2.11
C SER B 172 -0.94 21.37 1.26
N PRO B 173 -0.30 22.13 0.32
CA PRO B 173 0.66 21.53 -0.60
C PRO B 173 1.86 20.92 0.13
N TRP B 174 2.33 19.82 -0.43
CA TRP B 174 3.56 19.12 -0.01
C TRP B 174 4.64 19.40 -1.04
N VAL B 175 5.60 20.26 -0.69
CA VAL B 175 6.66 20.72 -1.63
C VAL B 175 8.06 20.46 -1.09
N ASP B 176 8.18 20.06 0.18
CA ASP B 176 9.47 19.76 0.85
C ASP B 176 9.49 18.27 1.18
N LEU B 177 10.15 17.46 0.35
CA LEU B 177 10.13 15.99 0.49
C LEU B 177 11.13 15.53 1.56
N GLU B 178 11.82 16.46 2.23
CA GLU B 178 12.75 16.15 3.35
C GLU B 178 12.10 16.40 4.72
N GLY B 179 10.95 17.07 4.76
CA GLY B 179 10.26 17.38 6.02
C GLY B 179 11.12 18.18 6.98
N ILE B 180 11.70 19.29 6.51
CA ILE B 180 12.65 20.10 7.34
C ILE B 180 12.02 21.44 7.72
N GLY B 181 10.74 21.65 7.43
CA GLY B 181 10.01 22.84 7.93
C GLY B 181 9.90 22.80 9.45
N GLU B 182 9.95 23.96 10.09
CA GLU B 182 9.89 24.03 11.57
C GLU B 182 8.59 23.38 12.06
N SER B 183 7.47 23.60 11.36
CA SER B 183 6.14 23.08 11.76
C SER B 183 6.13 21.55 11.80
N MET B 184 7.05 20.88 11.10
CA MET B 184 7.12 19.39 11.08
C MET B 184 7.45 18.90 12.50
N THR B 185 8.16 19.72 13.28
CA THR B 185 8.49 19.43 14.70
C THR B 185 7.40 19.97 15.62
N THR B 186 6.91 21.19 15.51
N THR B 186 7.04 21.24 15.31
CA THR B 186 5.88 21.68 16.46
CA THR B 186 6.51 22.42 16.08
C THR B 186 4.67 20.72 16.53
C THR B 186 4.97 22.44 16.09
N LYS B 187 4.21 20.16 15.41
N LYS B 187 4.35 21.94 15.02
CA LYS B 187 2.86 19.56 15.29
CA LYS B 187 2.87 21.71 14.94
C LYS B 187 2.92 18.03 15.17
C LYS B 187 2.61 20.20 15.06
N ALA B 188 4.08 17.43 15.41
N ALA B 188 3.64 19.40 15.36
CA ALA B 188 4.27 15.96 15.25
CA ALA B 188 3.50 17.93 15.43
C ALA B 188 3.22 15.17 16.02
C ALA B 188 2.49 17.54 16.51
N ALA B 189 2.83 15.60 17.23
N ALA B 189 2.41 18.28 17.63
CA ALA B 189 1.94 14.81 18.11
CA ALA B 189 1.53 17.94 18.77
C ALA B 189 0.48 15.26 17.99
C ALA B 189 0.07 18.24 18.41
N VAL B 190 0.19 16.29 17.17
N VAL B 190 -0.21 18.90 17.27
CA VAL B 190 -1.07 17.12 17.23
CA VAL B 190 -1.61 19.23 16.87
C VAL B 190 -1.77 17.21 15.86
C VAL B 190 -2.00 18.59 15.51
N ASP B 191 -1.14 17.78 14.82
CA ASP B 191 -1.52 17.33 13.45
C ASP B 191 -1.97 15.88 13.53
N PRO B 192 -3.26 15.56 13.27
CA PRO B 192 -3.72 14.18 13.40
C PRO B 192 -3.46 13.24 12.22
N MET B 193 -2.86 13.72 11.12
CA MET B 193 -2.85 13.01 9.81
C MET B 193 -1.44 12.90 9.22
N VAL B 194 -0.66 13.98 9.26
CA VAL B 194 0.67 14.06 8.59
C VAL B 194 1.74 14.17 9.67
N GLN B 195 2.71 13.25 9.66
CA GLN B 195 3.92 13.33 10.50
C GLN B 195 5.11 12.97 9.63
N ARG B 196 6.32 13.24 10.12
CA ARG B 196 7.54 13.22 9.28
C ARG B 196 7.80 11.81 8.76
N GLU B 197 7.69 10.77 9.60
CA GLU B 197 8.18 9.43 9.18
C GLU B 197 7.34 8.91 8.01
N PRO B 198 5.98 8.94 8.04
CA PRO B 198 5.19 8.57 6.87
C PRO B 198 5.45 9.41 5.60
N LEU B 199 5.62 10.72 5.79
N LEU B 199 5.64 10.72 5.76
CA LEU B 199 6.03 11.70 4.73
CA LEU B 199 5.99 11.61 4.63
C LEU B 199 7.29 11.20 4.04
C LEU B 199 7.30 11.12 4.00
N LEU B 200 8.33 10.86 4.82
CA LEU B 200 9.64 10.43 4.28
C LEU B 200 9.47 9.07 3.57
N ARG B 201 8.62 8.21 4.10
CA ARG B 201 8.31 6.88 3.51
C ARG B 201 7.75 7.09 2.11
N MET B 202 6.79 7.99 1.94
N MET B 202 6.73 7.96 2.01
CA MET B 202 6.15 8.21 0.62
CA MET B 202 6.07 8.41 0.75
C MET B 202 7.13 8.95 -0.30
C MET B 202 7.13 8.93 -0.23
N ALA B 203 7.91 9.92 0.21
CA ALA B 203 8.94 10.60 -0.59
C ALA B 203 9.92 9.57 -1.16
N SER B 204 10.32 8.60 -0.32
CA SER B 204 11.30 7.56 -0.75
C SER B 204 10.72 6.78 -1.93
N MET B 205 9.45 6.41 -1.85
CA MET B 205 8.77 5.61 -2.91
C MET B 205 8.66 6.44 -4.19
N TYR B 206 8.31 7.71 -4.07
CA TYR B 206 8.14 8.63 -5.23
C TYR B 206 9.49 8.87 -5.90
N LEU B 207 10.55 9.08 -5.12
CA LEU B 207 11.86 9.51 -5.64
C LEU B 207 12.65 8.32 -6.22
N ALA B 208 12.51 7.13 -5.64
CA ALA B 208 13.24 5.91 -6.08
C ALA B 208 14.72 6.26 -6.26
N GLY B 209 15.33 6.88 -5.27
CA GLY B 209 16.78 7.17 -5.24
C GLY B 209 17.12 8.55 -5.75
N GLN B 210 16.17 9.27 -6.36
CA GLN B 210 16.45 10.62 -6.92
C GLN B 210 16.66 11.63 -5.79
N ASP B 211 17.41 12.69 -6.09
CA ASP B 211 17.67 13.82 -5.17
C ASP B 211 16.34 14.30 -4.62
N PRO B 212 16.13 14.39 -3.29
CA PRO B 212 14.87 14.89 -2.74
C PRO B 212 14.59 16.38 -3.04
N ARG B 213 15.57 17.10 -3.57
CA ARG B 213 15.38 18.51 -4.00
C ARG B 213 15.26 18.58 -5.52
N THR B 214 15.05 17.45 -6.19
CA THR B 214 14.70 17.42 -7.64
C THR B 214 13.56 18.40 -7.86
N PRO B 215 13.73 19.49 -8.65
CA PRO B 215 12.75 20.57 -8.70
C PRO B 215 11.33 20.15 -9.10
N LEU B 216 11.14 19.19 -10.00
CA LEU B 216 9.75 18.82 -10.40
C LEU B 216 9.14 17.87 -9.39
N ALA B 217 9.91 17.30 -8.46
CA ALA B 217 9.40 16.48 -7.35
C ALA B 217 9.16 17.34 -6.11
N ALA B 218 10.00 18.35 -5.91
CA ALA B 218 10.02 19.23 -4.72
C ALA B 218 10.09 20.67 -5.20
N PRO B 219 8.94 21.24 -5.63
CA PRO B 219 8.96 22.50 -6.37
C PRO B 219 9.30 23.73 -5.52
N LEU B 220 9.53 23.54 -4.23
CA LEU B 220 10.21 24.56 -3.39
C LEU B 220 11.55 24.94 -4.06
N TYR B 221 12.14 24.05 -4.86
CA TYR B 221 13.47 24.25 -5.48
C TYR B 221 13.35 24.49 -6.98
N ALA B 222 12.13 24.65 -7.48
CA ALA B 222 11.85 24.93 -8.91
C ALA B 222 11.89 26.43 -9.18
N ASP B 223 12.10 26.76 -10.45
CA ASP B 223 11.99 28.14 -10.97
C ASP B 223 10.50 28.47 -11.10
N LEU B 224 9.97 29.35 -10.24
CA LEU B 224 8.51 29.62 -10.21
C LEU B 224 8.17 30.87 -11.02
N ARG B 225 9.14 31.52 -11.65
CA ARG B 225 8.87 32.79 -12.36
C ARG B 225 7.86 32.54 -13.48
N GLY B 226 6.91 33.45 -13.64
CA GLY B 226 5.90 33.40 -14.72
C GLY B 226 4.66 32.63 -14.33
N LEU B 227 4.61 31.99 -13.16
CA LEU B 227 3.42 31.20 -12.77
C LEU B 227 2.24 32.13 -12.54
N PRO B 228 1.02 31.64 -12.78
CA PRO B 228 -0.17 32.47 -12.63
C PRO B 228 -0.55 32.61 -11.17
N PRO B 229 -1.53 33.48 -10.86
CA PRO B 229 -1.96 33.67 -9.48
C PRO B 229 -2.28 32.34 -8.79
N LEU B 230 -1.77 32.23 -7.56
CA LEU B 230 -1.85 30.98 -6.75
CA LEU B 230 -1.83 30.99 -6.76
C LEU B 230 -2.65 31.27 -5.48
N LEU B 231 -3.63 30.42 -5.20
CA LEU B 231 -4.30 30.38 -3.89
C LEU B 231 -3.69 29.21 -3.15
N ILE B 232 -3.12 29.47 -1.97
CA ILE B 232 -2.61 28.42 -1.07
C ILE B 232 -3.49 28.45 0.18
N GLN B 233 -4.26 27.39 0.40
CA GLN B 233 -5.02 27.23 1.66
C GLN B 233 -4.29 26.18 2.48
N VAL B 234 -4.11 26.46 3.76
CA VAL B 234 -3.38 25.55 4.68
C VAL B 234 -3.98 25.74 6.07
N GLY B 235 -3.94 24.70 6.89
CA GLY B 235 -4.38 24.78 8.28
C GLY B 235 -3.24 25.19 9.19
N THR B 236 -3.52 25.95 10.26
CA THR B 236 -2.45 26.34 11.21
C THR B 236 -2.06 25.14 12.09
N ALA B 237 -2.89 24.09 12.15
CA ALA B 237 -2.62 22.90 12.99
C ALA B 237 -1.86 21.84 12.19
N GLU B 238 -1.13 22.23 11.13
CA GLU B 238 -0.52 21.27 10.17
C GLU B 238 1.00 21.23 10.31
N THR B 239 1.57 20.03 10.30
CA THR B 239 3.02 19.84 10.14
C THR B 239 3.44 20.43 8.79
N LEU B 240 2.58 20.41 7.78
CA LEU B 240 2.92 20.97 6.44
C LEU B 240 2.64 22.48 6.40
N LEU B 241 2.32 23.15 7.50
CA LEU B 241 2.13 24.61 7.48
C LEU B 241 3.33 25.27 6.79
N ASP B 242 4.56 24.92 7.18
CA ASP B 242 5.77 25.63 6.67
C ASP B 242 6.04 25.26 5.21
N ASP B 243 5.44 24.21 4.67
CA ASP B 243 5.51 23.97 3.20
C ASP B 243 4.78 25.11 2.48
N SER B 244 3.61 25.50 2.97
CA SER B 244 2.82 26.60 2.37
C SER B 244 3.55 27.93 2.58
N VAL B 245 4.11 28.16 3.77
CA VAL B 245 4.80 29.44 4.08
C VAL B 245 5.99 29.56 3.13
N ARG B 246 6.79 28.50 3.00
CA ARG B 246 7.99 28.54 2.14
C ARG B 246 7.58 28.63 0.66
N LEU B 247 6.51 27.95 0.25
CA LEU B 247 6.05 28.03 -1.16
C LEU B 247 5.64 29.49 -1.45
N ALA B 248 4.84 30.09 -0.57
CA ALA B 248 4.38 31.49 -0.73
C ALA B 248 5.60 32.41 -0.85
N GLU B 249 6.60 32.27 0.03
N GLU B 249 6.57 32.25 0.05
CA GLU B 249 7.83 33.10 0.01
CA GLU B 249 7.81 33.05 0.07
C GLU B 249 8.54 32.91 -1.32
C GLU B 249 8.53 32.91 -1.28
N ARG B 250 8.73 31.67 -1.75
CA ARG B 250 9.48 31.39 -3.00
C ARG B 250 8.72 31.94 -4.20
N ALA B 251 7.40 31.72 -4.26
CA ALA B 251 6.58 32.18 -5.38
C ALA B 251 6.57 33.71 -5.42
N ARG B 252 6.44 34.38 -4.28
CA ARG B 252 6.44 35.86 -4.23
C ARG B 252 7.80 36.40 -4.69
N ALA B 253 8.88 35.73 -4.29
CA ALA B 253 10.26 36.11 -4.66
C ALA B 253 10.44 35.94 -6.17
N ALA B 254 9.62 35.09 -6.81
CA ALA B 254 9.62 34.83 -8.27
C ALA B 254 8.59 35.70 -8.99
N GLY B 255 7.90 36.61 -8.28
CA GLY B 255 6.98 37.59 -8.89
C GLY B 255 5.60 37.01 -9.16
N VAL B 256 5.28 35.89 -8.50
CA VAL B 256 3.95 35.26 -8.59
C VAL B 256 3.02 35.92 -7.58
N GLN B 257 1.76 36.15 -7.98
N GLN B 257 1.81 36.27 -8.03
CA GLN B 257 0.70 36.74 -7.14
CA GLN B 257 0.72 36.71 -7.13
C GLN B 257 0.09 35.65 -6.24
C GLN B 257 0.33 35.51 -6.28
N VAL B 258 0.47 35.62 -4.96
CA VAL B 258 0.08 34.53 -4.03
C VAL B 258 -0.97 35.05 -3.06
N THR B 259 -2.05 34.30 -2.92
CA THR B 259 -3.01 34.46 -1.80
C THR B 259 -2.77 33.29 -0.83
N LEU B 260 -2.18 33.57 0.32
CA LEU B 260 -1.86 32.52 1.33
C LEU B 260 -2.89 32.64 2.45
N GLU B 261 -3.71 31.60 2.63
CA GLU B 261 -4.78 31.58 3.66
C GLU B 261 -4.45 30.50 4.67
N PRO B 262 -3.84 30.84 5.82
CA PRO B 262 -3.68 29.89 6.90
C PRO B 262 -4.95 29.93 7.76
N TRP B 263 -5.77 28.89 7.67
CA TRP B 263 -7.07 28.81 8.35
C TRP B 263 -6.84 28.33 9.79
N GLU B 264 -7.20 29.18 10.76
CA GLU B 264 -6.95 28.96 12.19
C GLU B 264 -7.52 27.59 12.60
N ASP B 265 -6.66 26.76 13.19
CA ASP B 265 -7.00 25.47 13.85
C ASP B 265 -7.31 24.39 12.81
N MET B 266 -7.27 24.69 11.52
CA MET B 266 -7.65 23.67 10.51
C MET B 266 -6.52 22.65 10.35
N ILE B 267 -6.93 21.48 9.91
CA ILE B 267 -6.07 20.28 9.76
C ILE B 267 -5.86 20.02 8.27
N HIS B 268 -4.98 19.08 7.98
CA HIS B 268 -4.56 18.72 6.61
C HIS B 268 -5.77 18.48 5.71
N VAL B 269 -5.83 19.21 4.60
CA VAL B 269 -6.89 19.10 3.56
C VAL B 269 -8.24 19.00 4.27
N TRP B 270 -8.51 19.91 5.20
CA TRP B 270 -9.79 19.97 5.94
C TRP B 270 -10.96 20.12 4.96
N GLN B 271 -10.71 20.66 3.75
CA GLN B 271 -11.73 20.77 2.68
C GLN B 271 -12.34 19.40 2.35
N ALA B 272 -11.58 18.32 2.45
CA ALA B 272 -12.06 16.96 2.14
C ALA B 272 -13.17 16.54 3.12
N PHE B 273 -13.29 17.18 4.28
CA PHE B 273 -14.29 16.84 5.33
C PHE B 273 -15.48 17.80 5.26
N ALA B 274 -15.66 18.52 4.16
CA ALA B 274 -16.69 19.58 4.02
C ALA B 274 -18.11 19.03 4.29
N ALA B 275 -18.40 17.75 4.04
CA ALA B 275 -19.73 17.17 4.36
C ALA B 275 -20.05 17.37 5.85
N MET B 276 -19.04 17.24 6.73
CA MET B 276 -19.23 17.24 8.21
C MET B 276 -18.63 18.51 8.83
N LEU B 277 -17.67 19.16 8.17
CA LEU B 277 -16.91 20.29 8.76
C LEU B 277 -17.27 21.58 8.03
N PRO B 278 -18.03 22.50 8.67
CA PRO B 278 -18.40 23.75 8.01
C PRO B 278 -17.21 24.54 7.44
N GLU B 279 -16.08 24.59 8.14
CA GLU B 279 -14.88 25.33 7.67
C GLU B 279 -14.38 24.71 6.35
N GLY B 280 -14.60 23.42 6.15
CA GLY B 280 -14.26 22.73 4.89
C GLY B 280 -15.05 23.29 3.74
N GLN B 281 -16.37 23.40 3.90
CA GLN B 281 -17.25 23.97 2.84
C GLN B 281 -16.93 25.45 2.67
N GLN B 282 -16.69 26.20 3.77
CA GLN B 282 -16.35 27.65 3.68
C GLN B 282 -15.10 27.82 2.81
N ALA B 283 -14.08 26.99 3.04
CA ALA B 283 -12.80 27.10 2.30
C ALA B 283 -13.04 26.79 0.81
N ILE B 284 -13.90 25.82 0.51
CA ILE B 284 -14.21 25.46 -0.91
C ILE B 284 -14.97 26.63 -1.57
N GLU B 285 -15.86 27.29 -0.84
CA GLU B 285 -16.54 28.49 -1.38
C GLU B 285 -15.47 29.54 -1.73
N ARG B 286 -14.43 29.69 -0.90
CA ARG B 286 -13.33 30.66 -1.17
C ARG B 286 -12.57 30.22 -2.43
N ILE B 287 -12.33 28.93 -2.60
CA ILE B 287 -11.68 28.40 -3.84
C ILE B 287 -12.52 28.84 -5.05
N GLY B 288 -13.84 28.64 -4.99
CA GLY B 288 -14.76 29.00 -6.10
C GLY B 288 -14.69 30.48 -6.39
N GLU B 289 -14.68 31.31 -5.35
CA GLU B 289 -14.61 32.79 -5.49
C GLU B 289 -13.30 33.17 -6.19
N PHE B 290 -12.19 32.59 -5.73
CA PHE B 290 -10.83 32.86 -6.26
C PHE B 290 -10.80 32.51 -7.76
N LEU B 291 -11.30 31.32 -8.13
CA LEU B 291 -11.26 30.89 -9.54
C LEU B 291 -12.15 31.79 -10.39
N ARG B 292 -13.38 32.04 -9.95
CA ARG B 292 -14.33 32.88 -10.73
C ARG B 292 -13.74 34.29 -10.91
N GLN B 293 -13.05 34.81 -9.89
CA GLN B 293 -12.38 36.14 -9.98
C GLN B 293 -11.36 36.13 -11.12
N HIS B 294 -10.55 35.08 -11.23
CA HIS B 294 -9.42 35.01 -12.21
C HIS B 294 -9.93 34.63 -13.60
N TRP B 295 -11.17 34.16 -13.71
CA TRP B 295 -11.81 33.81 -15.01
C TRP B 295 -12.65 34.97 -15.54
N GLN B 296 -12.83 36.04 -14.77
CA GLN B 296 -13.58 37.27 -15.16
C GLN B 296 -13.00 37.84 -16.47
#